data_5INZ
#
_entry.id   5INZ
#
_cell.length_a   27.248
_cell.length_b   31.303
_cell.length_c   37.926
_cell.angle_alpha   100.67
_cell.angle_beta   93.60
_cell.angle_gamma   115.15
#
_symmetry.space_group_name_H-M   'P -1'
#
loop_
_entity.id
_entity.type
_entity.pdbx_description
1 polymer 'Theta defensin-2, L-peptide'
2 polymer 'Theta defensin-2, D-peptide'
3 non-polymer 'SULFATE ION'
4 non-polymer 1,2-ETHANEDIOL
5 water water
#
loop_
_entity_poly.entity_id
_entity_poly.type
_entity_poly.pdbx_seq_one_letter_code
_entity_poly.pdbx_strand_id
1 'polypeptide(L)' GVCRCVCRRGVCRCVCRR A,B,C
2 'polypeptide(D)'
;G(DVA)(DCY)(DAR)(DCY)(DVA)(DCY)(DAR)(DAR)G(DVA)(DCY)(DAR)(DCY)(DVA)(DCY)(DAR)
(DAR)
;
D
#
# COMPACT_ATOMS: atom_id res chain seq x y z
N GLY A 1 5.89 6.39 8.97
CA GLY A 1 6.26 7.10 7.76
C GLY A 1 6.54 6.22 6.56
N VAL A 2 6.20 4.94 6.65
CA VAL A 2 6.42 3.99 5.56
C VAL A 2 5.13 3.23 5.31
N CYS A 3 4.75 3.10 4.06
CA CYS A 3 3.62 2.24 3.68
C CYS A 3 4.15 1.07 2.87
N ARG A 4 3.73 -0.14 3.24
CA ARG A 4 4.07 -1.36 2.54
C ARG A 4 2.81 -1.88 1.89
N CYS A 5 2.81 -1.99 0.59
CA CYS A 5 1.63 -2.28 -0.20
C CYS A 5 1.87 -3.51 -1.06
N VAL A 6 0.84 -4.34 -1.20
CA VAL A 6 0.82 -5.45 -2.14
CA VAL A 6 0.83 -5.43 -2.16
C VAL A 6 -0.40 -5.26 -3.04
N CYS A 7 -0.19 -5.33 -4.34
CA CYS A 7 -1.21 -5.07 -5.34
C CYS A 7 -1.38 -6.28 -6.24
N ARG A 8 -2.64 -6.65 -6.44
CA ARG A 8 -3.01 -7.67 -7.42
C ARG A 8 -4.35 -7.24 -7.99
N ARG A 9 -4.54 -7.44 -9.29
CA ARG A 9 -5.84 -7.20 -9.92
C ARG A 9 -6.25 -5.73 -9.85
N GLY A 10 -5.29 -4.81 -9.65
CA GLY A 10 -5.61 -3.41 -9.41
C GLY A 10 -6.02 -3.09 -7.99
N VAL A 11 -5.99 -4.08 -7.10
CA VAL A 11 -6.38 -3.92 -5.71
C VAL A 11 -5.10 -3.92 -4.89
N CYS A 12 -4.88 -2.84 -4.14
CA CYS A 12 -3.69 -2.74 -3.30
C CYS A 12 -4.09 -2.69 -1.84
N ARG A 13 -3.41 -3.49 -1.03
CA ARG A 13 -3.58 -3.49 0.41
C ARG A 13 -2.29 -2.99 1.02
N CYS A 14 -2.37 -1.92 1.81
CA CYS A 14 -1.22 -1.22 2.32
C CYS A 14 -1.30 -1.13 3.83
N VAL A 15 -0.18 -1.29 4.49
CA VAL A 15 -0.04 -1.06 5.92
CA VAL A 15 -0.06 -1.04 5.91
C VAL A 15 0.99 0.04 6.11
N CYS A 16 0.61 1.09 6.82
CA CYS A 16 1.44 2.27 6.98
C CYS A 16 1.72 2.47 8.46
N ARG A 17 2.99 2.58 8.80
CA ARG A 17 3.43 2.91 10.14
C ARG A 17 4.71 3.69 10.01
N ARG A 18 4.91 4.66 10.91
CA ARG A 18 6.21 5.28 11.08
C ARG A 18 6.79 5.79 9.77
N GLY B 1 6.28 9.72 -0.55
CA GLY B 1 5.68 9.89 -1.87
C GLY B 1 6.43 9.15 -2.96
N VAL B 2 7.57 8.55 -2.62
CA VAL B 2 8.35 7.77 -3.56
C VAL B 2 8.27 6.31 -3.15
N CYS B 3 7.94 5.47 -4.10
CA CYS B 3 7.80 4.04 -3.85
C CYS B 3 8.86 3.26 -4.60
N ARG B 4 9.35 2.23 -3.94
CA ARG B 4 10.16 1.18 -4.55
C ARG B 4 9.24 -0.02 -4.72
N CYS B 5 9.03 -0.45 -5.96
CA CYS B 5 8.09 -1.51 -6.27
C CYS B 5 8.77 -2.61 -7.06
N VAL B 6 8.47 -3.85 -6.73
CA VAL B 6 8.93 -5.01 -7.48
CA VAL B 6 8.93 -5.00 -7.49
C VAL B 6 7.69 -5.77 -7.91
N CYS B 7 7.55 -5.97 -9.21
CA CYS B 7 6.38 -6.57 -9.80
C CYS B 7 6.77 -7.81 -10.59
N ARG B 8 5.87 -8.77 -10.61
CA ARG B 8 5.95 -9.93 -11.50
C ARG B 8 4.61 -10.62 -11.53
N ARG B 9 4.33 -11.30 -12.64
CA ARG B 9 3.25 -12.30 -12.68
C ARG B 9 2.02 -11.88 -11.85
N GLY B 10 1.48 -10.69 -12.13
CA GLY B 10 0.22 -10.32 -11.49
C GLY B 10 0.30 -9.85 -10.05
N VAL B 11 1.46 -9.42 -9.59
CA VAL B 11 1.59 -8.94 -8.22
C VAL B 11 2.67 -7.87 -8.20
N CYS B 12 2.40 -6.79 -7.50
CA CYS B 12 3.42 -5.78 -7.23
C CYS B 12 3.53 -5.60 -5.72
N ARG B 13 4.76 -5.54 -5.20
CA ARG B 13 5.02 -5.23 -3.81
C ARG B 13 5.78 -3.92 -3.76
N CYS B 14 5.28 -2.96 -2.99
CA CYS B 14 5.84 -1.62 -2.97
C CYS B 14 6.11 -1.20 -1.53
N VAL B 15 7.19 -0.46 -1.33
CA VAL B 15 7.50 0.21 -0.08
C VAL B 15 7.59 1.69 -0.41
N CYS B 16 6.77 2.50 0.26
CA CYS B 16 6.61 3.91 -0.07
C CYS B 16 6.96 4.77 1.11
N ARG B 17 7.75 5.82 0.87
CA ARG B 17 8.14 6.80 1.87
C ARG B 17 8.15 8.16 1.19
N ARG B 18 7.48 9.14 1.79
CA ARG B 18 7.52 10.51 1.28
C ARG B 18 7.22 10.57 -0.22
N GLY C 1 -8.15 3.60 -8.11
CA GLY C 1 -7.71 4.74 -7.32
C GLY C 1 -8.68 5.15 -6.25
N VAL C 2 -9.63 4.28 -5.92
CA VAL C 2 -10.59 4.53 -4.85
C VAL C 2 -10.04 3.84 -3.60
N CYS C 3 -9.69 4.62 -2.59
CA CYS C 3 -9.02 4.09 -1.41
C CYS C 3 -9.81 4.38 -0.15
N ARG C 4 -9.71 3.46 0.80
CA ARG C 4 -10.09 3.72 2.16
C ARG C 4 -8.92 3.38 3.05
N CYS C 5 -8.79 4.10 4.15
CA CYS C 5 -7.77 3.82 5.13
C CYS C 5 -8.43 3.81 6.49
N VAL C 6 -8.14 2.80 7.28
CA VAL C 6 -8.62 2.70 8.65
C VAL C 6 -7.39 2.76 9.54
N CYS C 7 -7.40 3.69 10.48
CA CYS C 7 -6.25 3.99 11.29
C CYS C 7 -6.60 3.82 12.76
N ARG C 8 -5.64 3.31 13.51
CA ARG C 8 -5.61 3.42 14.95
C ARG C 8 -4.35 4.21 15.27
N ARG C 9 -4.17 4.55 16.52
CA ARG C 9 -2.95 5.27 16.84
C ARG C 9 -1.76 4.42 16.42
N GLY C 10 -0.93 4.98 15.55
CA GLY C 10 0.29 4.34 15.11
C GLY C 10 0.21 3.50 13.82
N VAL C 11 -0.96 3.20 13.30
CA VAL C 11 -1.02 2.33 12.12
C VAL C 11 -2.23 2.68 11.29
N CYS C 12 -2.05 2.68 9.98
CA CYS C 12 -3.15 2.79 9.04
C CYS C 12 -3.10 1.61 8.10
N ARG C 13 -4.26 1.03 7.82
CA ARG C 13 -4.40 -0.01 6.82
CA ARG C 13 -4.39 0.00 6.81
C ARG C 13 -5.31 0.51 5.73
N CYS C 14 -4.81 0.48 4.50
CA CYS C 14 -5.56 1.03 3.39
C CYS C 14 -5.83 -0.07 2.38
N VAL C 15 -6.97 0.06 1.71
CA VAL C 15 -7.32 -0.79 0.58
C VAL C 15 -7.73 0.13 -0.54
N CYS C 16 -7.10 -0.04 -1.69
CA CYS C 16 -7.37 0.78 -2.86
C CYS C 16 -7.81 -0.14 -3.98
N ARG C 17 -8.92 0.19 -4.61
CA ARG C 17 -9.42 -0.55 -5.76
C ARG C 17 -9.37 0.45 -6.88
N ARG C 18 -8.41 0.24 -7.78
CA ARG C 18 -8.00 1.27 -8.72
C ARG C 18 -7.53 2.44 -7.87
N GLY D 1 0.83 -0.89 -10.62
CA GLY D 1 0.01 -1.89 -9.97
C GLY D 1 -1.20 -1.27 -9.28
N GLY D 10 -4.75 11.27 10.72
CA GLY D 10 -4.56 9.87 11.07
C GLY D 10 -3.23 9.28 10.61
#